data_9NBO
#
_entry.id   9NBO
#
_cell.length_a   1.00
_cell.length_b   1.00
_cell.length_c   1.00
_cell.angle_alpha   90.00
_cell.angle_beta   90.00
_cell.angle_gamma   90.00
#
_symmetry.space_group_name_H-M   'P 1'
#
loop_
_entity.id
_entity.type
_entity.pdbx_description
1 polymer 'Arsenite transporter ATPase-like protein,arsA'
2 non-polymer "ADENOSINE-5'-TRIPHOSPHATE"
3 non-polymer 'MAGNESIUM ION'
4 non-polymer ARSENIC
5 water water
#
_entity_poly.entity_id   1
_entity_poly.type   'polypeptide(L)'
_entity_poly.pdbx_seq_one_letter_code
;MGMKFLQLPPRFMFFTGKGGVGKTSIACATSIQLANAGKRVLLVSTNPASNVGQVFGVDIGNRVTPIPAVPHLSALEIDP
EAAASAYRERLVGPVRGVLPDDVVKGIEESLSGACTTEIAAFDEFTALLTNAVLTADYQHIIFDTAPTGHTIRLLQLPGA
WSGFLEAGKGDASCLGPLAGLEKQRTQYKAAVEALADPLQTRLVLVARAQQATLREVARTHEELATIGIKQQHLVINGIL
PSAEAANDPLAAAIHEREQTALKNIPATLTSLPRDLVQLKPFNLVGLDALRQLLTDLPLQAHVAADAPIELDEPGMGDLV
DGIEADGHGLVMLMGKGGVGKTTLAAAIAVELAHRGLPVHLTTSNPAAHLTDTLEASLDNLTVSRIDPHAETERYRQHVL
ETKGAQLDAEGRALLEEDLHSPCTEEIAVFQAFSRIIREAGKKFVVMDTAPTGHTLLLLDATGAYHREVRRQMGNKGTHF
TTPMMQLRDPNQTKVLVVTLAETTPVLEAAKLQADLRRAGIEPWAWIINTSVAAASAKSPLLRQRAANELREINAVANHH
ADRYAVVPLLKEEPIGAERLRALIHPQTHHHHHH
;
_entity_poly.pdbx_strand_id   A
#
loop_
_chem_comp.id
_chem_comp.type
_chem_comp.name
_chem_comp.formula
ARS non-polymer ARSENIC As
ATP non-polymer ADENOSINE-5'-TRIPHOSPHATE 'C10 H16 N5 O13 P3'
MG non-polymer 'MAGNESIUM ION' 'Mg 2'
#
# COMPACT_ATOMS: atom_id res chain seq x y z
N MET A 3 -14.38 17.80 14.01
CA MET A 3 -14.38 16.59 13.20
C MET A 3 -15.27 15.53 13.85
N LYS A 4 -16.12 14.91 13.03
CA LYS A 4 -17.10 13.96 13.57
C LYS A 4 -16.41 12.77 14.21
N PHE A 5 -15.37 12.23 13.57
CA PHE A 5 -14.71 11.06 14.12
C PHE A 5 -13.94 11.39 15.39
N LEU A 6 -13.65 12.66 15.65
CA LEU A 6 -13.02 13.09 16.90
C LEU A 6 -14.08 13.51 17.91
N GLN A 7 -14.99 12.59 18.19
CA GLN A 7 -16.10 12.84 19.11
C GLN A 7 -16.33 11.55 19.90
N LEU A 8 -15.91 11.56 21.16
CA LEU A 8 -16.00 10.38 22.00
C LEU A 8 -15.29 9.21 21.33
N PRO A 9 -14.03 9.37 20.94
CA PRO A 9 -13.34 8.28 20.23
C PRO A 9 -13.14 7.09 21.15
N PRO A 10 -13.15 5.87 20.60
CA PRO A 10 -12.80 4.71 21.42
C PRO A 10 -11.31 4.60 21.67
N ARG A 11 -10.87 3.51 22.29
CA ARG A 11 -9.45 3.33 22.54
C ARG A 11 -8.67 3.26 21.23
N PHE A 12 -9.17 2.52 20.25
CA PHE A 12 -8.49 2.33 18.98
C PHE A 12 -9.18 3.12 17.88
N MET A 13 -8.38 3.62 16.94
CA MET A 13 -8.89 4.34 15.78
C MET A 13 -8.07 3.91 14.57
N PHE A 14 -8.75 3.36 13.57
CA PHE A 14 -8.10 2.91 12.34
C PHE A 14 -8.40 3.90 11.22
N PHE A 15 -7.35 4.36 10.56
CA PHE A 15 -7.47 5.28 9.42
C PHE A 15 -7.15 4.47 8.16
N THR A 16 -8.19 3.94 7.54
CA THR A 16 -8.08 3.11 6.35
C THR A 16 -8.50 3.92 5.13
N GLY A 17 -8.08 3.43 3.97
CA GLY A 17 -8.47 4.06 2.73
C GLY A 17 -7.51 3.70 1.61
N LYS A 18 -7.82 4.22 0.43
CA LYS A 18 -6.97 4.03 -0.73
C LYS A 18 -5.64 4.76 -0.52
N GLY A 19 -4.63 4.34 -1.26
CA GLY A 19 -3.31 4.92 -1.08
C GLY A 19 -3.30 6.40 -1.43
N GLY A 20 -2.52 7.17 -0.67
CA GLY A 20 -2.29 8.57 -0.97
C GLY A 20 -3.41 9.51 -0.59
N VAL A 21 -4.46 9.01 0.09
CA VAL A 21 -5.62 9.86 0.38
C VAL A 21 -5.37 10.79 1.56
N GLY A 22 -4.41 10.47 2.43
CA GLY A 22 -4.13 11.31 3.58
C GLY A 22 -4.34 10.60 4.90
N LYS A 23 -4.19 9.27 4.90
CA LYS A 23 -4.34 8.52 6.15
C LYS A 23 -3.28 8.93 7.16
N THR A 24 -2.02 9.02 6.73
CA THR A 24 -0.95 9.37 7.66
C THR A 24 -1.08 10.81 8.14
N SER A 25 -1.39 11.73 7.24
CA SER A 25 -1.53 13.13 7.63
C SER A 25 -2.65 13.30 8.65
N ILE A 26 -3.82 12.72 8.36
CA ILE A 26 -4.97 12.87 9.24
C ILE A 26 -4.74 12.13 10.55
N ALA A 27 -4.09 10.98 10.50
CA ALA A 27 -3.76 10.25 11.73
C ALA A 27 -2.84 11.06 12.61
N CYS A 28 -1.80 11.65 12.03
CA CYS A 28 -0.88 12.48 12.81
C CYS A 28 -1.60 13.70 13.38
N ALA A 29 -2.47 14.33 12.58
CA ALA A 29 -3.19 15.51 13.07
C ALA A 29 -4.10 15.14 14.23
N THR A 30 -4.85 14.03 14.12
CA THR A 30 -5.74 13.63 15.20
C THR A 30 -4.96 13.22 16.45
N SER A 31 -3.83 12.53 16.28
CA SER A 31 -3.02 12.18 17.44
C SER A 31 -2.50 13.42 18.14
N ILE A 32 -2.06 14.42 17.37
CA ILE A 32 -1.61 15.68 17.96
C ILE A 32 -2.76 16.33 18.71
N GLN A 33 -3.95 16.36 18.10
CA GLN A 33 -5.09 17.01 18.73
C GLN A 33 -5.49 16.32 20.03
N LEU A 34 -5.48 14.99 20.04
CA LEU A 34 -5.83 14.26 21.26
C LEU A 34 -4.77 14.45 22.34
N ALA A 35 -3.49 14.35 21.97
CA ALA A 35 -2.43 14.50 22.97
C ALA A 35 -2.45 15.90 23.56
N ASN A 36 -2.67 16.91 22.74
CA ASN A 36 -2.72 18.28 23.23
C ASN A 36 -3.92 18.51 24.15
N ALA A 37 -4.91 17.61 24.13
CA ALA A 37 -6.07 17.71 25.00
C ALA A 37 -5.87 17.05 26.35
N GLY A 38 -4.69 16.48 26.59
CA GLY A 38 -4.39 15.86 27.86
C GLY A 38 -4.44 14.34 27.89
N LYS A 39 -4.67 13.71 26.74
CA LYS A 39 -4.75 12.26 26.67
C LYS A 39 -3.36 11.66 26.44
N ARG A 40 -3.22 10.38 26.78
CA ARG A 40 -2.02 9.61 26.47
C ARG A 40 -2.26 8.88 25.17
N VAL A 41 -1.61 9.32 24.10
CA VAL A 41 -1.87 8.82 22.76
C VAL A 41 -0.64 8.06 22.26
N LEU A 42 -0.87 6.94 21.60
CA LEU A 42 0.15 6.23 20.84
C LEU A 42 -0.28 6.21 19.38
N LEU A 43 0.69 6.37 18.49
CA LEU A 43 0.45 6.41 17.05
C LEU A 43 1.23 5.27 16.41
N VAL A 44 0.54 4.22 16.03
CA VAL A 44 1.15 3.08 15.37
C VAL A 44 1.07 3.29 13.87
N SER A 45 2.17 3.00 13.18
CA SER A 45 2.24 3.09 11.72
C SER A 45 2.45 1.69 11.17
N THR A 46 1.43 1.15 10.51
CA THR A 46 1.47 -0.20 9.98
C THR A 46 1.93 -0.25 8.53
N ASN A 47 2.36 0.88 7.96
CA ASN A 47 2.83 0.92 6.58
C ASN A 47 4.34 0.68 6.58
N PRO A 48 4.83 -0.44 6.06
CA PRO A 48 6.29 -0.65 6.06
C PRO A 48 7.06 0.39 5.27
N ALA A 49 6.48 0.91 4.18
CA ALA A 49 7.21 1.77 3.27
C ALA A 49 7.26 3.22 3.71
N SER A 50 6.48 3.62 4.71
CA SER A 50 6.42 5.00 5.15
C SER A 50 7.22 5.19 6.44
N ASN A 51 7.63 6.44 6.67
CA ASN A 51 8.38 6.83 7.85
C ASN A 51 7.71 8.05 8.47
N VAL A 52 6.97 7.84 9.56
CA VAL A 52 6.36 8.97 10.26
C VAL A 52 7.38 9.90 10.87
N GLY A 53 8.63 9.47 10.98
CA GLY A 53 9.67 10.37 11.47
C GLY A 53 9.85 11.58 10.59
N GLN A 54 9.71 11.40 9.28
CA GLN A 54 9.82 12.54 8.36
C GLN A 54 8.65 13.50 8.55
N VAL A 55 7.46 12.97 8.82
CA VAL A 55 6.30 13.83 9.06
C VAL A 55 6.48 14.61 10.35
N PHE A 56 6.89 13.93 11.42
CA PHE A 56 7.05 14.58 12.72
C PHE A 56 8.40 15.26 12.89
N GLY A 57 9.41 14.85 12.13
CA GLY A 57 10.75 15.37 12.30
C GLY A 57 11.57 14.64 13.35
N VAL A 58 10.99 13.67 14.05
CA VAL A 58 11.70 12.88 15.03
C VAL A 58 12.10 11.57 14.39
N ASP A 59 13.03 10.87 15.02
CA ASP A 59 13.51 9.58 14.51
C ASP A 59 12.72 8.46 15.16
N ILE A 60 11.49 8.29 14.68
CA ILE A 60 10.62 7.22 15.18
C ILE A 60 11.08 5.90 14.56
N GLY A 61 11.18 4.87 15.40
CA GLY A 61 11.55 3.56 14.93
C GLY A 61 10.65 2.47 15.49
N ASN A 62 11.13 1.22 15.50
CA ASN A 62 10.33 0.14 16.04
C ASN A 62 10.05 0.34 17.52
N ARG A 63 11.02 0.86 18.26
CA ARG A 63 10.83 1.14 19.67
C ARG A 63 9.76 2.21 19.86
N VAL A 64 9.01 2.09 20.95
CA VAL A 64 7.99 3.09 21.29
C VAL A 64 8.72 4.36 21.72
N THR A 65 8.70 5.37 20.86
CA THR A 65 9.51 6.57 21.06
C THR A 65 8.61 7.79 21.27
N PRO A 66 8.71 8.49 22.39
CA PRO A 66 7.90 9.69 22.57
C PRO A 66 8.29 10.78 21.58
N ILE A 67 7.31 11.61 21.22
CA ILE A 67 7.54 12.76 20.37
C ILE A 67 7.78 13.96 21.29
N PRO A 68 9.01 14.48 21.38
CA PRO A 68 9.27 15.56 22.34
C PRO A 68 8.43 16.81 22.12
N ALA A 69 8.12 17.13 20.86
CA ALA A 69 7.38 18.36 20.58
C ALA A 69 5.97 18.32 21.18
N VAL A 70 5.32 17.16 21.10
CA VAL A 70 3.95 17.00 21.59
C VAL A 70 4.03 16.19 22.89
N PRO A 71 3.76 16.80 24.06
CA PRO A 71 3.69 16.00 25.28
C PRO A 71 2.52 15.03 25.25
N HIS A 72 2.74 13.86 25.86
CA HIS A 72 1.78 12.78 26.01
C HIS A 72 1.58 11.99 24.73
N LEU A 73 2.31 12.28 23.65
CA LEU A 73 2.18 11.56 22.39
C LEU A 73 3.40 10.70 22.17
N SER A 74 3.18 9.44 21.80
CA SER A 74 4.26 8.52 21.46
C SER A 74 3.96 7.92 20.10
N ALA A 75 5.00 7.40 19.45
CA ALA A 75 4.88 6.85 18.11
C ALA A 75 5.60 5.53 18.02
N LEU A 76 5.15 4.70 17.08
CA LEU A 76 5.67 3.35 16.91
C LEU A 76 5.50 2.97 15.45
N GLU A 77 6.45 2.21 14.92
CA GLU A 77 6.37 1.69 13.55
C GLU A 77 6.55 0.19 13.59
N ILE A 78 5.59 -0.53 13.03
CA ILE A 78 5.64 -1.99 13.01
C ILE A 78 6.51 -2.39 11.81
N ASP A 79 7.66 -3.02 12.10
CA ASP A 79 8.59 -3.42 11.06
C ASP A 79 8.43 -4.91 10.82
N PRO A 80 7.92 -5.34 9.66
CA PRO A 80 7.79 -6.80 9.44
C PRO A 80 9.09 -7.56 9.57
N GLU A 81 10.20 -6.99 9.10
CA GLU A 81 11.48 -7.70 9.15
C GLU A 81 12.01 -7.76 10.57
N ALA A 82 11.97 -6.65 11.31
CA ALA A 82 12.41 -6.66 12.69
C ALA A 82 11.53 -7.56 13.55
N ALA A 83 10.21 -7.50 13.32
CA ALA A 83 9.31 -8.39 14.04
C ALA A 83 9.60 -9.85 13.73
N ALA A 84 9.87 -10.17 12.46
CA ALA A 84 10.21 -11.53 12.11
C ALA A 84 11.50 -11.97 12.78
N SER A 85 12.49 -11.09 12.84
CA SER A 85 13.74 -11.43 13.51
C SER A 85 13.52 -11.69 15.00
N ALA A 86 12.70 -10.85 15.64
CA ALA A 86 12.40 -11.05 17.06
C ALA A 86 11.67 -12.37 17.28
N TYR A 87 10.70 -12.68 16.42
CA TYR A 87 9.98 -13.95 16.52
C TYR A 87 10.91 -15.13 16.35
N ARG A 88 11.79 -15.07 15.34
CA ARG A 88 12.75 -16.14 15.13
C ARG A 88 13.66 -16.30 16.33
N GLU A 89 14.13 -15.20 16.90
CA GLU A 89 15.01 -15.28 18.05
C GLU A 89 14.30 -15.87 19.25
N ARG A 90 13.06 -15.45 19.52
CA ARG A 90 12.35 -15.99 20.67
C ARG A 90 11.98 -17.46 20.47
N LEU A 91 11.90 -17.93 19.23
CA LEU A 91 11.66 -19.35 19.00
C LEU A 91 12.94 -20.17 19.04
N VAL A 92 14.08 -19.59 18.70
CA VAL A 92 15.31 -20.37 18.53
C VAL A 92 16.21 -20.30 19.76
N GLY A 93 16.11 -19.23 20.55
CA GLY A 93 16.99 -19.01 21.68
C GLY A 93 16.94 -20.07 22.75
N PRO A 94 15.76 -20.55 23.14
CA PRO A 94 15.71 -21.57 24.20
C PRO A 94 16.47 -22.82 23.86
N VAL A 95 16.63 -23.15 22.57
CA VAL A 95 17.29 -24.38 22.15
C VAL A 95 18.73 -24.15 21.73
N ARG A 96 19.24 -22.92 21.82
CA ARG A 96 20.64 -22.68 21.49
C ARG A 96 21.54 -23.38 22.49
N GLY A 97 22.35 -24.31 22.00
CA GLY A 97 23.21 -25.13 22.84
C GLY A 97 22.52 -26.38 23.36
N VAL A 98 21.23 -26.26 23.69
CA VAL A 98 20.47 -27.42 24.16
C VAL A 98 20.40 -28.47 23.05
N LEU A 99 19.99 -28.04 21.84
CA LEU A 99 19.88 -28.96 20.72
C LEU A 99 21.17 -28.95 19.91
N PRO A 100 21.45 -30.03 19.17
CA PRO A 100 22.66 -30.05 18.34
C PRO A 100 22.64 -28.91 17.33
N ASP A 101 23.82 -28.35 17.05
CA ASP A 101 23.91 -27.21 16.14
C ASP A 101 23.23 -27.52 14.81
N ASP A 102 23.31 -28.76 14.34
CA ASP A 102 22.61 -29.12 13.11
C ASP A 102 21.11 -28.95 13.27
N VAL A 103 20.56 -29.36 14.41
CA VAL A 103 19.13 -29.19 14.64
C VAL A 103 18.77 -27.71 14.72
N VAL A 104 19.65 -26.89 15.31
CA VAL A 104 19.39 -25.46 15.37
C VAL A 104 19.35 -24.87 13.97
N LYS A 105 20.31 -25.27 13.12
CA LYS A 105 20.31 -24.78 11.74
C LYS A 105 19.05 -25.23 11.01
N GLY A 106 18.61 -26.48 11.22
CA GLY A 106 17.39 -26.93 10.57
C GLY A 106 16.17 -26.15 11.03
N ILE A 107 16.06 -25.90 12.34
CA ILE A 107 14.93 -25.13 12.85
C ILE A 107 14.94 -23.72 12.28
N GLU A 108 16.12 -23.09 12.24
CA GLU A 108 16.22 -21.77 11.61
C GLU A 108 15.83 -21.82 10.15
N GLU A 109 16.15 -22.91 9.46
CA GLU A 109 15.74 -23.06 8.07
C GLU A 109 14.23 -23.12 7.95
N SER A 110 13.57 -23.85 8.85
CA SER A 110 12.12 -23.97 8.78
C SER A 110 11.42 -22.64 9.06
N LEU A 111 12.08 -21.71 9.74
CA LEU A 111 11.49 -20.42 10.09
C LEU A 111 11.90 -19.32 9.12
N SER A 112 12.54 -19.67 8.01
CA SER A 112 12.99 -18.67 7.04
C SER A 112 11.94 -18.35 5.98
N GLY A 113 10.83 -19.08 5.94
CA GLY A 113 9.82 -18.83 4.93
C GLY A 113 9.15 -17.49 5.13
N ALA A 114 8.37 -17.09 4.13
CA ALA A 114 7.63 -15.84 4.18
C ALA A 114 6.42 -15.92 5.10
N CYS A 115 5.92 -17.13 5.36
CA CYS A 115 4.79 -17.25 6.28
C CYS A 115 5.17 -16.79 7.67
N THR A 116 6.40 -17.10 8.11
CA THR A 116 6.88 -16.60 9.40
C THR A 116 6.95 -15.08 9.41
N THR A 117 7.44 -14.49 8.31
CA THR A 117 7.53 -13.04 8.25
C THR A 117 6.14 -12.41 8.35
N GLU A 118 5.14 -13.00 7.70
CA GLU A 118 3.78 -12.48 7.80
C GLU A 118 3.22 -12.65 9.21
N ILE A 119 3.40 -13.84 9.79
CA ILE A 119 2.78 -14.13 11.07
C ILE A 119 3.40 -13.31 12.19
N ALA A 120 4.69 -12.98 12.09
CA ALA A 120 5.31 -12.16 13.12
C ALA A 120 4.67 -10.77 13.18
N ALA A 121 4.53 -10.12 12.02
CA ALA A 121 3.90 -8.81 11.98
C ALA A 121 2.44 -8.89 12.42
N PHE A 122 1.73 -9.94 11.99
CA PHE A 122 0.34 -10.08 12.41
C PHE A 122 0.24 -10.25 13.92
N ASP A 123 1.16 -11.02 14.50
CA ASP A 123 1.16 -11.21 15.95
C ASP A 123 1.41 -9.89 16.67
N GLU A 124 2.33 -9.07 16.15
CA GLU A 124 2.54 -7.77 16.77
C GLU A 124 1.29 -6.89 16.68
N PHE A 125 0.62 -6.92 15.53
CA PHE A 125 -0.61 -6.12 15.38
C PHE A 125 -1.67 -6.56 16.38
N THR A 126 -1.91 -7.88 16.48
CA THR A 126 -2.91 -8.35 17.42
C THR A 126 -2.49 -8.16 18.87
N ALA A 127 -1.18 -8.12 19.13
CA ALA A 127 -0.73 -7.82 20.49
C ALA A 127 -1.01 -6.36 20.84
N LEU A 128 -0.83 -5.45 19.88
CA LEU A 128 -1.23 -4.07 20.12
C LEU A 128 -2.73 -3.97 20.34
N LEU A 129 -3.52 -4.72 19.55
CA LEU A 129 -4.97 -4.65 19.68
C LEU A 129 -5.44 -5.18 21.03
N THR A 130 -5.00 -6.38 21.41
CA THR A 130 -5.59 -7.11 22.51
C THR A 130 -4.82 -6.97 23.82
N ASN A 131 -3.51 -7.17 23.79
CA ASN A 131 -2.73 -7.17 25.03
C ASN A 131 -2.90 -5.84 25.77
N ALA A 132 -3.20 -5.94 27.05
CA ALA A 132 -3.48 -4.76 27.87
C ALA A 132 -2.24 -4.20 28.53
N VAL A 133 -1.35 -5.07 29.02
CA VAL A 133 -0.13 -4.61 29.66
C VAL A 133 0.76 -3.89 28.65
N LEU A 134 0.77 -4.36 27.40
CA LEU A 134 1.65 -3.78 26.40
C LEU A 134 1.32 -2.33 26.11
N THR A 135 0.04 -1.96 26.22
CA THR A 135 -0.42 -0.59 25.98
C THR A 135 -1.23 -0.10 27.17
N ALA A 136 -0.71 -0.32 28.38
CA ALA A 136 -1.45 0.02 29.59
C ALA A 136 -1.48 1.53 29.81
N ASP A 137 -0.39 2.23 29.49
CA ASP A 137 -0.27 3.65 29.77
C ASP A 137 -0.65 4.52 28.58
N TYR A 138 -1.57 4.06 27.73
CA TYR A 138 -2.09 4.84 26.62
C TYR A 138 -3.61 4.78 26.64
N GLN A 139 -4.24 5.95 26.59
CA GLN A 139 -5.69 6.04 26.51
C GLN A 139 -6.21 5.94 25.09
N HIS A 140 -5.35 6.06 24.09
CA HIS A 140 -5.75 5.96 22.69
C HIS A 140 -4.60 5.37 21.89
N ILE A 141 -4.94 4.51 20.94
CA ILE A 141 -3.97 3.97 19.98
C ILE A 141 -4.52 4.22 18.59
N ILE A 142 -3.81 5.03 17.81
CA ILE A 142 -4.25 5.43 16.47
C ILE A 142 -3.42 4.64 15.47
N PHE A 143 -4.09 3.77 14.70
CA PHE A 143 -3.41 2.97 13.69
C PHE A 143 -3.48 3.69 12.36
N ASP A 144 -2.32 3.91 11.73
CA ASP A 144 -2.22 4.47 10.40
C ASP A 144 -1.78 3.35 9.46
N THR A 145 -2.69 2.88 8.63
CA THR A 145 -2.49 1.65 7.88
C THR A 145 -1.89 1.93 6.50
N ALA A 146 -1.50 0.85 5.83
CA ALA A 146 -1.02 0.91 4.45
C ALA A 146 -2.20 1.11 3.53
N PRO A 147 -2.00 1.33 2.23
CA PRO A 147 -3.15 1.48 1.32
C PRO A 147 -4.14 0.35 1.48
N THR A 148 -5.38 0.58 1.07
CA THR A 148 -6.46 -0.37 1.40
C THR A 148 -6.16 -1.76 0.90
N GLY A 149 -5.37 -1.88 -0.17
CA GLY A 149 -5.10 -3.20 -0.74
C GLY A 149 -4.50 -4.15 0.27
N HIS A 150 -3.54 -3.67 1.07
CA HIS A 150 -2.94 -4.48 2.13
C HIS A 150 -3.69 -4.37 3.44
N THR A 151 -4.37 -3.25 3.69
CA THR A 151 -5.06 -3.06 4.96
C THR A 151 -6.27 -3.99 5.08
N ILE A 152 -6.99 -4.22 3.98
CA ILE A 152 -8.13 -5.13 4.07
C ILE A 152 -7.66 -6.53 4.42
N ARG A 153 -6.54 -6.96 3.84
CA ARG A 153 -6.00 -8.27 4.19
C ARG A 153 -5.53 -8.28 5.65
N LEU A 154 -4.92 -7.19 6.11
CA LEU A 154 -4.49 -7.13 7.51
C LEU A 154 -5.68 -7.31 8.44
N LEU A 155 -6.78 -6.61 8.17
CA LEU A 155 -7.96 -6.70 9.02
C LEU A 155 -8.73 -8.00 8.85
N GLN A 156 -8.60 -8.66 7.70
CA GLN A 156 -9.21 -9.96 7.52
C GLN A 156 -8.42 -11.07 8.20
N LEU A 157 -7.12 -10.87 8.38
CA LEU A 157 -6.29 -11.92 8.96
C LEU A 157 -6.76 -12.37 10.34
N PRO A 158 -7.14 -11.49 11.27
CA PRO A 158 -7.66 -11.97 12.55
C PRO A 158 -8.78 -12.98 12.42
N GLY A 159 -9.83 -12.63 11.67
CA GLY A 159 -10.94 -13.56 11.50
C GLY A 159 -10.54 -14.83 10.78
N ALA A 160 -9.71 -14.71 9.75
CA ALA A 160 -9.29 -15.88 8.99
C ALA A 160 -8.50 -16.85 9.86
N TRP A 161 -7.55 -16.32 10.65
CA TRP A 161 -6.76 -17.18 11.53
C TRP A 161 -7.61 -17.76 12.64
N SER A 162 -8.54 -16.99 13.19
CA SER A 162 -9.42 -17.53 14.22
C SER A 162 -10.27 -18.67 13.66
N GLY A 163 -10.81 -18.49 12.46
CA GLY A 163 -11.57 -19.57 11.84
C GLY A 163 -10.73 -20.79 11.54
N PHE A 164 -9.49 -20.56 11.09
CA PHE A 164 -8.60 -21.68 10.81
C PHE A 164 -8.28 -22.46 12.08
N LEU A 165 -8.03 -21.76 13.18
CA LEU A 165 -7.65 -22.44 14.42
C LEU A 165 -8.84 -23.13 15.08
N GLU A 166 -10.00 -22.47 15.09
CA GLU A 166 -11.15 -23.00 15.80
C GLU A 166 -11.86 -24.11 15.02
N ALA A 167 -11.46 -24.36 13.77
CA ALA A 167 -12.00 -25.47 13.01
C ALA A 167 -11.34 -26.79 13.35
N GLY A 168 -10.41 -26.81 14.29
CA GLY A 168 -9.67 -28.00 14.64
C GLY A 168 -8.44 -28.25 13.79
N LYS A 169 -8.21 -27.45 12.77
CA LYS A 169 -7.05 -27.61 11.89
C LYS A 169 -5.95 -26.64 12.31
N GLY A 170 -5.30 -26.99 13.42
CA GLY A 170 -4.20 -26.21 13.96
C GLY A 170 -2.85 -26.56 13.38
N ASP A 171 -2.79 -27.45 12.39
CA ASP A 171 -1.53 -27.90 11.81
C ASP A 171 -1.18 -27.04 10.60
N ALA A 172 -0.77 -25.81 10.88
CA ALA A 172 -0.26 -24.90 9.86
C ALA A 172 1.20 -25.23 9.62
N SER A 173 1.43 -26.30 8.86
CA SER A 173 2.78 -26.79 8.63
C SER A 173 3.66 -25.75 7.96
N CYS A 174 3.07 -24.74 7.33
CA CYS A 174 3.86 -23.69 6.70
C CYS A 174 4.66 -22.92 7.75
N LEU A 175 4.06 -22.63 8.90
CA LEU A 175 4.75 -21.88 9.95
C LEU A 175 5.80 -22.71 10.66
N GLY A 176 5.74 -24.04 10.56
CA GLY A 176 6.71 -24.91 11.18
C GLY A 176 6.16 -25.60 12.42
N PRO A 177 6.84 -26.66 12.85
CA PRO A 177 6.37 -27.37 14.05
C PRO A 177 6.50 -26.56 15.32
N LEU A 178 7.42 -25.60 15.36
CA LEU A 178 7.63 -24.75 16.52
C LEU A 178 6.77 -23.50 16.49
N ALA A 179 5.89 -23.35 15.50
CA ALA A 179 5.07 -22.15 15.41
C ALA A 179 4.28 -21.92 16.69
N GLY A 180 3.69 -22.99 17.23
CA GLY A 180 2.92 -22.87 18.45
C GLY A 180 1.77 -21.90 18.28
N LEU A 181 1.02 -22.04 17.19
CA LEU A 181 -0.08 -21.12 16.92
C LEU A 181 -1.13 -21.16 18.03
N GLU A 182 -1.30 -22.30 18.69
CA GLU A 182 -2.41 -22.47 19.61
C GLU A 182 -2.32 -21.52 20.79
N LYS A 183 -1.11 -21.15 21.22
CA LYS A 183 -1.00 -20.22 22.34
C LYS A 183 -1.55 -18.84 22.00
N GLN A 184 -1.61 -18.49 20.71
CA GLN A 184 -2.24 -17.26 20.28
C GLN A 184 -3.72 -17.43 19.91
N ARG A 185 -4.26 -18.64 20.06
CA ARG A 185 -5.63 -18.90 19.64
C ARG A 185 -6.59 -17.88 20.25
N THR A 186 -6.49 -17.66 21.56
CA THR A 186 -7.35 -16.67 22.19
C THR A 186 -7.03 -15.27 21.68
N GLN A 187 -5.74 -14.94 21.60
CA GLN A 187 -5.35 -13.59 21.21
C GLN A 187 -6.00 -13.19 19.90
N TYR A 188 -5.81 -14.01 18.86
CA TYR A 188 -6.45 -13.74 17.58
C TYR A 188 -7.95 -13.53 17.76
N LYS A 189 -8.59 -14.44 18.49
CA LYS A 189 -10.03 -14.28 18.74
C LYS A 189 -10.32 -12.93 19.36
N ALA A 190 -9.58 -12.57 20.41
CA ALA A 190 -9.79 -11.27 21.02
C ALA A 190 -9.68 -10.15 20.00
N ALA A 191 -8.67 -10.23 19.14
CA ALA A 191 -8.50 -9.22 18.09
C ALA A 191 -9.79 -9.05 17.31
N VAL A 192 -10.38 -10.17 16.90
CA VAL A 192 -11.63 -10.09 16.15
C VAL A 192 -12.68 -9.34 16.96
N GLU A 193 -12.85 -9.73 18.23
CA GLU A 193 -13.84 -9.07 19.06
C GLU A 193 -13.52 -7.60 19.24
N ALA A 194 -12.23 -7.23 19.17
CA ALA A 194 -11.86 -5.84 19.29
C ALA A 194 -12.17 -5.07 18.01
N LEU A 195 -12.10 -5.73 16.85
CA LEU A 195 -12.33 -5.04 15.59
C LEU A 195 -13.82 -4.82 15.33
N ALA A 196 -14.68 -5.71 15.80
CA ALA A 196 -16.11 -5.67 15.51
C ALA A 196 -16.92 -4.99 16.61
N ASP A 197 -16.25 -4.34 17.57
CA ASP A 197 -16.94 -3.66 18.65
C ASP A 197 -16.88 -2.15 18.43
N PRO A 198 -17.99 -1.48 18.12
CA PRO A 198 -17.90 -0.04 17.84
C PRO A 198 -17.46 0.79 19.04
N LEU A 199 -17.63 0.30 20.26
CA LEU A 199 -17.20 1.04 21.44
C LEU A 199 -15.73 0.84 21.78
N GLN A 200 -15.04 -0.07 21.10
CA GLN A 200 -13.61 -0.28 21.29
C GLN A 200 -12.77 0.25 20.14
N THR A 201 -13.27 0.18 18.91
CA THR A 201 -12.52 0.60 17.73
C THR A 201 -13.41 1.48 16.86
N ARG A 202 -12.84 2.56 16.34
CA ARG A 202 -13.51 3.40 15.34
C ARG A 202 -12.74 3.28 14.04
N LEU A 203 -13.46 3.04 12.96
CA LEU A 203 -12.88 2.90 11.63
C LEU A 203 -13.23 4.14 10.82
N VAL A 204 -12.20 4.82 10.32
CA VAL A 204 -12.36 6.02 9.52
C VAL A 204 -11.85 5.70 8.13
N LEU A 205 -12.70 5.87 7.12
CA LEU A 205 -12.36 5.66 5.73
C LEU A 205 -11.97 7.02 5.14
N VAL A 206 -10.72 7.17 4.77
CA VAL A 206 -10.23 8.40 4.16
C VAL A 206 -10.28 8.24 2.65
N ALA A 207 -10.89 9.21 1.98
CA ALA A 207 -11.02 9.20 0.52
C ALA A 207 -10.73 10.60 0.01
N ARG A 208 -10.78 10.77 -1.30
CA ARG A 208 -10.67 12.06 -1.94
C ARG A 208 -11.86 12.26 -2.88
N ALA A 209 -12.11 13.51 -3.24
CA ALA A 209 -13.25 13.86 -4.08
C ALA A 209 -12.98 13.49 -5.54
N GLN A 210 -12.77 12.19 -5.75
CA GLN A 210 -12.53 11.64 -7.07
C GLN A 210 -13.37 10.37 -7.22
N GLN A 211 -13.99 10.20 -8.39
CA GLN A 211 -14.96 9.12 -8.54
C GLN A 211 -14.30 7.75 -8.38
N ALA A 212 -13.09 7.57 -8.92
CA ALA A 212 -12.41 6.29 -8.77
C ALA A 212 -12.10 6.01 -7.29
N THR A 213 -11.58 7.01 -6.58
CA THR A 213 -11.28 6.84 -5.17
C THR A 213 -12.56 6.54 -4.38
N LEU A 214 -13.64 7.25 -4.69
CA LEU A 214 -14.90 7.02 -3.98
C LEU A 214 -15.44 5.62 -4.25
N ARG A 215 -15.36 5.14 -5.49
CA ARG A 215 -15.81 3.78 -5.78
C ARG A 215 -14.97 2.76 -5.03
N GLU A 216 -13.65 2.92 -5.02
CA GLU A 216 -12.81 1.96 -4.31
C GLU A 216 -13.07 2.01 -2.82
N VAL A 217 -13.34 3.20 -2.27
CA VAL A 217 -13.65 3.31 -0.85
C VAL A 217 -14.99 2.67 -0.54
N ALA A 218 -15.96 2.77 -1.46
CA ALA A 218 -17.23 2.08 -1.27
C ALA A 218 -17.04 0.57 -1.25
N ARG A 219 -16.21 0.04 -2.15
CA ARG A 219 -15.93 -1.39 -2.14
C ARG A 219 -15.24 -1.79 -0.84
N THR A 220 -14.29 -0.97 -0.38
CA THR A 220 -13.61 -1.26 0.88
C THR A 220 -14.60 -1.26 2.04
N HIS A 221 -15.54 -0.31 2.04
CA HIS A 221 -16.56 -0.27 3.08
C HIS A 221 -17.43 -1.52 3.04
N GLU A 222 -17.80 -1.97 1.85
CA GLU A 222 -18.55 -3.23 1.74
C GLU A 222 -17.77 -4.39 2.34
N GLU A 223 -16.49 -4.50 2.00
CA GLU A 223 -15.68 -5.60 2.52
C GLU A 223 -15.57 -5.53 4.04
N LEU A 224 -15.27 -4.35 4.58
CA LEU A 224 -15.11 -4.21 6.02
C LEU A 224 -16.41 -4.49 6.75
N ALA A 225 -17.54 -4.05 6.19
CA ALA A 225 -18.83 -4.38 6.79
C ALA A 225 -19.07 -5.88 6.77
N THR A 226 -18.66 -6.55 5.68
CA THR A 226 -18.75 -8.01 5.64
C THR A 226 -17.91 -8.64 6.74
N ILE A 227 -16.74 -8.05 7.03
CA ILE A 227 -15.90 -8.59 8.10
C ILE A 227 -16.61 -8.48 9.44
N GLY A 228 -17.27 -7.35 9.70
CA GLY A 228 -18.02 -7.19 10.92
C GLY A 228 -17.86 -5.83 11.57
N ILE A 229 -17.13 -4.93 10.93
CA ILE A 229 -16.91 -3.60 11.48
C ILE A 229 -18.14 -2.74 11.21
N LYS A 230 -18.64 -2.07 12.25
CA LYS A 230 -19.85 -1.28 12.18
C LYS A 230 -19.57 0.15 12.63
N GLN A 231 -20.45 1.05 12.21
CA GLN A 231 -20.37 2.46 12.58
C GLN A 231 -19.02 3.06 12.15
N GLN A 232 -18.83 3.10 10.84
CA GLN A 232 -17.63 3.70 10.25
C GLN A 232 -17.89 5.16 9.91
N HIS A 233 -16.82 5.94 9.89
CA HIS A 233 -16.88 7.34 9.49
C HIS A 233 -16.18 7.51 8.16
N LEU A 234 -16.46 8.64 7.50
CA LEU A 234 -15.86 8.96 6.21
C LEU A 234 -15.22 10.33 6.29
N VAL A 235 -14.02 10.46 5.72
CA VAL A 235 -13.31 11.73 5.67
C VAL A 235 -12.86 11.95 4.23
N ILE A 236 -13.37 13.02 3.61
CA ILE A 236 -12.97 13.40 2.25
C ILE A 236 -11.89 14.46 2.38
N ASN A 237 -10.72 14.19 1.82
CA ASN A 237 -9.55 15.03 1.98
C ASN A 237 -9.16 15.64 0.64
N GLY A 238 -8.39 16.73 0.71
CA GLY A 238 -7.92 17.37 -0.49
C GLY A 238 -8.98 18.09 -1.28
N ILE A 239 -10.08 18.49 -0.64
CA ILE A 239 -11.14 19.21 -1.33
C ILE A 239 -10.65 20.63 -1.59
N LEU A 240 -10.50 20.98 -2.87
CA LEU A 240 -10.04 22.30 -3.22
C LEU A 240 -11.07 23.33 -2.73
N PRO A 241 -10.64 24.40 -2.05
CA PRO A 241 -11.61 25.40 -1.60
C PRO A 241 -12.37 26.00 -2.79
N SER A 242 -13.65 26.28 -2.56
CA SER A 242 -14.47 26.87 -3.61
C SER A 242 -14.08 28.30 -3.92
N ALA A 243 -13.32 28.95 -3.03
CA ALA A 243 -12.91 30.33 -3.26
C ALA A 243 -11.76 30.45 -4.25
N GLU A 244 -11.05 29.35 -4.53
CA GLU A 244 -9.97 29.39 -5.51
C GLU A 244 -10.47 29.24 -6.93
N ALA A 245 -11.71 28.78 -7.12
CA ALA A 245 -12.21 28.52 -8.47
C ALA A 245 -12.25 29.80 -9.30
N ALA A 246 -12.49 30.95 -8.67
CA ALA A 246 -12.59 32.20 -9.40
C ALA A 246 -11.25 32.57 -10.01
N ASN A 247 -11.30 33.07 -11.25
CA ASN A 247 -10.11 33.61 -11.93
C ASN A 247 -9.03 32.55 -12.13
N ASP A 248 -9.42 31.28 -12.27
CA ASP A 248 -8.45 30.23 -12.56
C ASP A 248 -9.14 29.06 -13.24
N PRO A 249 -9.04 28.92 -14.57
CA PRO A 249 -9.74 27.81 -15.24
C PRO A 249 -9.34 26.45 -14.73
N LEU A 250 -8.07 26.24 -14.39
CA LEU A 250 -7.63 24.95 -13.86
C LEU A 250 -8.29 24.67 -12.51
N ALA A 251 -8.24 25.64 -11.61
CA ALA A 251 -8.89 25.47 -10.31
C ALA A 251 -10.39 25.31 -10.47
N ALA A 252 -11.00 26.05 -11.38
CA ALA A 252 -12.43 25.91 -11.62
C ALA A 252 -12.77 24.50 -12.08
N ALA A 253 -11.99 23.96 -13.02
CA ALA A 253 -12.25 22.61 -13.51
C ALA A 253 -12.06 21.58 -12.40
N ILE A 254 -11.01 21.72 -11.61
CA ILE A 254 -10.76 20.77 -10.53
C ILE A 254 -11.89 20.83 -9.51
N HIS A 255 -12.32 22.04 -9.14
CA HIS A 255 -13.39 22.19 -8.16
C HIS A 255 -14.70 21.62 -8.70
N GLU A 256 -15.01 21.86 -9.98
CA GLU A 256 -16.22 21.29 -10.56
C GLU A 256 -16.17 19.77 -10.55
N ARG A 257 -15.01 19.20 -10.89
CA ARG A 257 -14.88 17.75 -10.90
C ARG A 257 -15.07 17.18 -9.50
N GLU A 258 -14.48 17.83 -8.50
CA GLU A 258 -14.64 17.35 -7.12
C GLU A 258 -16.08 17.48 -6.64
N GLN A 259 -16.75 18.58 -7.00
CA GLN A 259 -18.15 18.73 -6.62
C GLN A 259 -19.01 17.66 -7.26
N THR A 260 -18.78 17.36 -8.54
CA THR A 260 -19.53 16.30 -9.21
C THR A 260 -19.26 14.95 -8.56
N ALA A 261 -17.99 14.69 -8.21
CA ALA A 261 -17.66 13.42 -7.55
C ALA A 261 -18.38 13.29 -6.21
N LEU A 262 -18.39 14.37 -5.42
CA LEU A 262 -19.10 14.33 -4.15
C LEU A 262 -20.59 14.13 -4.34
N LYS A 263 -21.19 14.84 -5.29
CA LYS A 263 -22.61 14.69 -5.54
C LYS A 263 -22.96 13.29 -6.03
N ASN A 264 -22.05 12.62 -6.72
CA ASN A 264 -22.25 11.27 -7.23
C ASN A 264 -21.64 10.22 -6.32
N ILE A 265 -21.62 10.50 -5.01
CA ILE A 265 -20.99 9.55 -4.08
C ILE A 265 -21.77 8.24 -4.10
N PRO A 266 -21.13 7.08 -3.97
CA PRO A 266 -21.89 5.82 -4.01
C PRO A 266 -22.95 5.78 -2.92
N ALA A 267 -24.08 5.14 -3.25
CA ALA A 267 -25.23 5.14 -2.35
C ALA A 267 -24.91 4.51 -1.00
N THR A 268 -23.86 3.68 -0.91
CA THR A 268 -23.56 3.05 0.36
C THR A 268 -22.91 4.03 1.33
N LEU A 269 -22.08 4.94 0.83
CA LEU A 269 -21.35 5.87 1.67
C LEU A 269 -22.13 7.14 1.99
N THR A 270 -23.35 7.28 1.47
CA THR A 270 -24.11 8.50 1.70
C THR A 270 -24.61 8.63 3.13
N SER A 271 -24.61 7.54 3.90
CA SER A 271 -25.08 7.57 5.28
C SER A 271 -23.97 7.71 6.31
N LEU A 272 -22.74 7.37 5.95
CA LEU A 272 -21.66 7.45 6.91
C LEU A 272 -21.46 8.90 7.35
N PRO A 273 -21.22 9.15 8.63
CA PRO A 273 -20.89 10.53 9.05
C PRO A 273 -19.67 11.03 8.30
N ARG A 274 -19.84 12.14 7.58
CA ARG A 274 -18.86 12.62 6.62
C ARG A 274 -18.20 13.88 7.14
N ASP A 275 -16.87 13.91 7.08
CA ASP A 275 -16.09 15.09 7.37
C ASP A 275 -15.36 15.52 6.10
N LEU A 276 -15.11 16.83 5.99
CA LEU A 276 -14.48 17.40 4.81
C LEU A 276 -13.20 18.12 5.24
N VAL A 277 -12.09 17.75 4.62
CA VAL A 277 -10.79 18.37 4.85
C VAL A 277 -10.35 19.03 3.56
N GLN A 278 -10.00 20.31 3.64
CA GLN A 278 -9.67 21.08 2.46
C GLN A 278 -8.21 20.83 2.05
N LEU A 279 -7.86 21.38 0.88
CA LEU A 279 -6.49 21.33 0.39
C LEU A 279 -5.71 22.49 0.96
N LYS A 280 -4.49 22.21 1.42
CA LYS A 280 -3.66 23.21 2.07
C LYS A 280 -2.52 23.62 1.15
N PRO A 281 -2.05 24.87 1.24
CA PRO A 281 -0.95 25.32 0.39
C PRO A 281 0.43 24.88 0.84
N PHE A 282 0.50 23.96 1.81
CA PHE A 282 1.78 23.51 2.35
C PHE A 282 1.75 22.00 2.52
N ASN A 283 2.91 21.38 2.42
CA ASN A 283 3.03 19.95 2.67
C ASN A 283 2.82 19.67 4.15
N LEU A 284 2.08 18.59 4.44
CA LEU A 284 1.72 18.25 5.82
C LEU A 284 2.90 17.53 6.48
N VAL A 285 3.95 18.31 6.73
CA VAL A 285 5.16 17.82 7.40
C VAL A 285 5.47 18.77 8.54
N GLY A 286 5.65 18.21 9.74
CA GLY A 286 5.93 19.00 10.92
C GLY A 286 4.66 19.40 11.67
N LEU A 287 4.85 19.78 12.93
CA LEU A 287 3.72 20.14 13.77
C LEU A 287 3.05 21.43 13.29
N ASP A 288 3.84 22.39 12.82
CA ASP A 288 3.26 23.64 12.37
C ASP A 288 2.27 23.44 11.24
N ALA A 289 2.52 22.46 10.38
CA ALA A 289 1.60 22.14 9.28
C ALA A 289 0.55 21.11 9.67
N LEU A 290 0.87 20.22 10.61
CA LEU A 290 -0.09 19.22 11.06
C LEU A 290 -1.08 19.76 12.08
N ARG A 291 -0.75 20.87 12.73
CA ARG A 291 -1.66 21.45 13.73
C ARG A 291 -2.81 22.22 13.11
N GLN A 292 -2.78 22.45 11.80
CA GLN A 292 -3.82 23.20 11.10
C GLN A 292 -4.28 22.45 9.85
N LEU A 293 -4.36 21.13 9.94
CA LEU A 293 -4.89 20.31 8.86
C LEU A 293 -6.39 20.13 8.96
N LEU A 294 -6.92 19.98 10.17
CA LEU A 294 -8.32 19.66 10.38
C LEU A 294 -9.20 20.89 10.50
N THR A 295 -8.64 22.09 10.34
CA THR A 295 -9.41 23.32 10.39
C THR A 295 -9.12 24.16 9.15
N ASP A 296 -10.16 24.78 8.61
CA ASP A 296 -10.01 25.56 7.39
C ASP A 296 -9.08 26.74 7.62
N LEU A 297 -8.25 27.02 6.63
CA LEU A 297 -7.36 28.17 6.70
C LEU A 297 -8.17 29.46 6.55
N PRO A 298 -7.94 30.47 7.39
CA PRO A 298 -8.72 31.71 7.26
C PRO A 298 -8.67 32.33 5.86
N LEU A 299 -7.50 32.30 5.23
CA LEU A 299 -7.33 32.91 3.91
C LEU A 299 -7.78 34.36 3.93
N ALA A 307 3.20 36.12 -11.49
CA ALA A 307 2.80 35.32 -12.64
C ALA A 307 2.97 33.84 -12.36
N PRO A 308 2.19 32.99 -13.02
CA PRO A 308 2.33 31.55 -12.81
C PRO A 308 3.67 31.04 -13.32
N ILE A 309 4.12 29.95 -12.71
CA ILE A 309 5.43 29.38 -13.04
C ILE A 309 5.31 28.59 -14.34
N GLU A 310 6.18 28.89 -15.30
CA GLU A 310 6.26 28.17 -16.56
C GLU A 310 7.35 27.13 -16.42
N LEU A 311 6.95 25.86 -16.35
CA LEU A 311 7.87 24.74 -16.14
C LEU A 311 8.02 23.96 -17.44
N ASP A 312 9.25 23.75 -17.87
CA ASP A 312 9.57 22.97 -19.06
C ASP A 312 10.47 21.82 -18.65
N GLU A 313 9.89 20.64 -18.48
CA GLU A 313 10.59 19.45 -18.05
C GLU A 313 10.30 18.33 -19.04
N PRO A 314 11.15 17.30 -19.09
CA PRO A 314 10.94 16.23 -20.06
C PRO A 314 9.58 15.58 -19.89
N GLY A 315 8.95 15.25 -21.02
CA GLY A 315 7.65 14.62 -21.02
C GLY A 315 7.75 13.10 -20.94
N MET A 316 6.59 12.47 -20.88
CA MET A 316 6.51 11.02 -20.80
C MET A 316 6.57 10.35 -22.17
N GLY A 317 6.40 11.12 -23.25
CA GLY A 317 6.53 10.54 -24.57
C GLY A 317 7.93 10.02 -24.84
N ASP A 318 8.95 10.73 -24.34
CA ASP A 318 10.32 10.27 -24.50
C ASP A 318 10.55 8.95 -23.76
N LEU A 319 10.01 8.83 -22.55
CA LEU A 319 10.12 7.57 -21.82
C LEU A 319 9.41 6.44 -22.56
N VAL A 320 8.23 6.71 -23.11
CA VAL A 320 7.52 5.66 -23.83
C VAL A 320 8.30 5.27 -25.08
N ASP A 321 8.92 6.24 -25.76
CA ASP A 321 9.76 5.93 -26.91
C ASP A 321 10.94 5.06 -26.51
N GLY A 322 11.57 5.38 -25.38
CA GLY A 322 12.68 4.56 -24.91
C GLY A 322 12.24 3.14 -24.58
N ILE A 323 11.06 3.00 -23.96
CA ILE A 323 10.53 1.67 -23.67
C ILE A 323 10.27 0.91 -24.95
N GLU A 324 9.66 1.57 -25.94
CA GLU A 324 9.33 0.92 -27.20
C GLU A 324 10.58 0.52 -27.97
N ALA A 325 11.67 1.29 -27.83
CA ALA A 325 12.90 0.95 -28.52
C ALA A 325 13.40 -0.44 -28.13
N ASP A 326 13.13 -0.86 -26.90
CA ASP A 326 13.54 -2.21 -26.48
C ASP A 326 12.83 -3.28 -27.28
N GLY A 327 11.54 -3.10 -27.55
CA GLY A 327 10.77 -4.04 -28.34
C GLY A 327 10.06 -5.12 -27.55
N HIS A 328 10.39 -5.27 -26.26
CA HIS A 328 9.76 -6.27 -25.41
C HIS A 328 10.32 -6.07 -24.00
N GLY A 329 9.73 -6.77 -23.04
CA GLY A 329 10.19 -6.77 -21.68
C GLY A 329 9.12 -6.36 -20.70
N LEU A 330 9.53 -6.24 -19.45
CA LEU A 330 8.64 -5.96 -18.32
C LEU A 330 8.85 -4.51 -17.88
N VAL A 331 7.76 -3.77 -17.76
CA VAL A 331 7.79 -2.39 -17.29
C VAL A 331 7.02 -2.37 -15.98
N MET A 332 7.73 -2.27 -14.87
CA MET A 332 7.14 -2.33 -13.54
C MET A 332 7.04 -0.93 -12.97
N LEU A 333 5.84 -0.54 -12.54
CA LEU A 333 5.64 0.78 -11.95
C LEU A 333 5.56 0.65 -10.44
N MET A 334 6.41 1.43 -9.75
CA MET A 334 6.51 1.39 -8.30
C MET A 334 6.53 2.81 -7.76
N GLY A 335 6.19 2.95 -6.49
CA GLY A 335 6.22 4.25 -5.86
C GLY A 335 5.33 4.26 -4.64
N LYS A 336 5.22 5.45 -4.06
CA LYS A 336 4.34 5.67 -2.91
C LYS A 336 2.88 5.49 -3.33
N GLY A 337 2.02 5.26 -2.34
CA GLY A 337 0.61 5.09 -2.63
C GLY A 337 -0.01 6.38 -3.17
N GLY A 338 -0.90 6.23 -4.13
CA GLY A 338 -1.64 7.34 -4.67
C GLY A 338 -0.87 8.22 -5.64
N VAL A 339 0.36 7.85 -5.99
CA VAL A 339 1.17 8.68 -6.87
C VAL A 339 0.62 8.68 -8.28
N GLY A 340 -0.02 7.60 -8.70
CA GLY A 340 -0.53 7.49 -10.06
C GLY A 340 0.02 6.29 -10.80
N LYS A 341 0.37 5.23 -10.08
CA LYS A 341 0.94 4.05 -10.72
C LYS A 341 -0.05 3.41 -11.68
N THR A 342 -1.31 3.30 -11.28
CA THR A 342 -2.30 2.64 -12.13
C THR A 342 -2.60 3.48 -13.37
N THR A 343 -2.78 4.79 -13.20
CA THR A 343 -3.03 5.65 -14.35
C THR A 343 -1.87 5.62 -15.33
N LEU A 344 -0.64 5.67 -14.82
CA LEU A 344 0.52 5.66 -15.71
C LEU A 344 0.70 4.30 -16.37
N ALA A 345 0.40 3.22 -15.65
CA ALA A 345 0.45 1.89 -16.27
C ALA A 345 -0.54 1.80 -17.42
N ALA A 346 -1.77 2.26 -17.20
CA ALA A 346 -2.76 2.23 -18.26
C ALA A 346 -2.34 3.10 -19.43
N ALA A 347 -1.78 4.28 -19.15
CA ALA A 347 -1.35 5.17 -20.22
C ALA A 347 -0.24 4.54 -21.06
N ILE A 348 0.76 3.96 -20.40
CA ILE A 348 1.85 3.32 -21.12
C ILE A 348 1.32 2.15 -21.94
N ALA A 349 0.45 1.34 -21.35
CA ALA A 349 -0.07 0.17 -22.06
C ALA A 349 -0.87 0.59 -23.29
N VAL A 350 -1.74 1.59 -23.15
CA VAL A 350 -2.56 2.01 -24.29
C VAL A 350 -1.68 2.65 -25.36
N GLU A 351 -0.66 3.41 -24.96
CA GLU A 351 0.23 4.01 -25.95
C GLU A 351 0.97 2.93 -26.72
N LEU A 352 1.52 1.94 -26.03
CA LEU A 352 2.23 0.86 -26.72
C LEU A 352 1.29 0.06 -27.60
N ALA A 353 0.06 -0.19 -27.14
CA ALA A 353 -0.91 -0.90 -27.97
C ALA A 353 -1.24 -0.10 -29.22
N HIS A 354 -1.42 1.21 -29.08
CA HIS A 354 -1.70 2.06 -30.23
C HIS A 354 -0.51 2.09 -31.19
N ARG A 355 0.70 1.93 -30.68
CA ARG A 355 1.88 1.85 -31.54
C ARG A 355 1.95 0.54 -32.31
N GLY A 356 0.95 -0.34 -32.18
CA GLY A 356 0.96 -1.61 -32.87
C GLY A 356 1.70 -2.73 -32.18
N LEU A 357 2.03 -2.56 -30.90
CA LEU A 357 2.81 -3.56 -30.18
C LEU A 357 1.89 -4.43 -29.33
N PRO A 358 2.25 -5.71 -29.13
CA PRO A 358 1.44 -6.57 -28.25
C PRO A 358 1.77 -6.28 -26.79
N VAL A 359 0.75 -5.85 -26.05
CA VAL A 359 0.91 -5.39 -24.67
C VAL A 359 0.04 -6.23 -23.75
N HIS A 360 0.56 -6.50 -22.56
CA HIS A 360 -0.19 -7.19 -21.51
C HIS A 360 -0.15 -6.30 -20.27
N LEU A 361 -1.29 -5.74 -19.91
CA LEU A 361 -1.39 -4.85 -18.76
C LEU A 361 -1.89 -5.66 -17.57
N THR A 362 -1.11 -5.68 -16.49
CA THR A 362 -1.39 -6.49 -15.32
C THR A 362 -1.41 -5.62 -14.08
N THR A 363 -2.23 -6.02 -13.12
CA THR A 363 -2.35 -5.32 -11.84
C THR A 363 -2.14 -6.35 -10.73
N SER A 364 -1.08 -6.18 -9.94
CA SER A 364 -0.80 -7.07 -8.84
C SER A 364 -1.54 -6.71 -7.56
N ASN A 365 -2.23 -5.57 -7.54
CA ASN A 365 -2.94 -5.15 -6.35
C ASN A 365 -4.13 -6.07 -6.10
N PRO A 366 -4.27 -6.65 -4.90
CA PRO A 366 -5.43 -7.52 -4.64
C PRO A 366 -6.76 -6.83 -4.89
N ALA A 367 -6.98 -5.68 -4.24
CA ALA A 367 -8.21 -4.91 -4.42
C ALA A 367 -8.07 -4.01 -5.64
N ALA A 368 -8.00 -4.65 -6.80
CA ALA A 368 -7.76 -3.98 -8.07
C ALA A 368 -8.99 -4.05 -8.96
N HIS A 369 -9.24 -2.96 -9.68
CA HIS A 369 -10.30 -2.92 -10.70
C HIS A 369 -9.83 -1.96 -11.78
N LEU A 370 -9.20 -2.51 -12.83
CA LEU A 370 -8.71 -1.69 -13.92
C LEU A 370 -9.83 -1.05 -14.72
N THR A 371 -11.08 -1.49 -14.54
CA THR A 371 -12.20 -0.86 -15.22
C THR A 371 -12.36 0.61 -14.82
N ASP A 372 -11.85 0.99 -13.65
CA ASP A 372 -11.91 2.39 -13.25
C ASP A 372 -11.11 3.28 -14.20
N THR A 373 -10.09 2.72 -14.85
CA THR A 373 -9.26 3.47 -15.79
C THR A 373 -9.56 3.11 -17.24
N LEU A 374 -9.53 1.82 -17.58
CA LEU A 374 -9.78 1.34 -18.94
C LEU A 374 -11.15 0.68 -18.99
N GLU A 375 -12.14 1.42 -19.48
CA GLU A 375 -13.51 0.92 -19.60
C GLU A 375 -13.81 0.40 -21.00
N ALA A 376 -12.85 0.38 -21.90
CA ALA A 376 -13.05 -0.04 -23.27
C ALA A 376 -12.39 -1.41 -23.50
N SER A 377 -12.43 -1.88 -24.75
CA SER A 377 -11.77 -3.11 -25.16
C SER A 377 -10.83 -2.75 -26.30
N LEU A 378 -9.59 -2.40 -25.97
CA LEU A 378 -8.63 -1.96 -26.97
C LEU A 378 -8.05 -3.15 -27.73
N ASP A 379 -7.38 -2.85 -28.83
CA ASP A 379 -6.74 -3.84 -29.68
C ASP A 379 -5.25 -3.90 -29.36
N ASN A 380 -4.68 -5.11 -29.47
CA ASN A 380 -3.30 -5.36 -29.10
C ASN A 380 -3.04 -5.02 -27.64
N LEU A 381 -4.01 -5.34 -26.78
CA LEU A 381 -3.90 -5.06 -25.35
C LEU A 381 -4.66 -6.13 -24.59
N THR A 382 -3.94 -6.90 -23.77
CA THR A 382 -4.55 -7.92 -22.93
C THR A 382 -4.53 -7.42 -21.49
N VAL A 383 -5.69 -7.05 -20.97
CA VAL A 383 -5.80 -6.51 -19.62
C VAL A 383 -6.15 -7.65 -18.67
N SER A 384 -5.41 -7.75 -17.57
CA SER A 384 -5.61 -8.83 -16.62
C SER A 384 -5.37 -8.31 -15.21
N ARG A 385 -5.64 -9.18 -14.23
CA ARG A 385 -5.39 -8.87 -12.83
C ARG A 385 -5.16 -10.18 -12.10
N ILE A 386 -4.52 -10.08 -10.93
CA ILE A 386 -4.23 -11.23 -10.09
C ILE A 386 -5.33 -11.30 -9.04
N ASP A 387 -6.24 -12.28 -9.19
CA ASP A 387 -7.31 -12.47 -8.22
C ASP A 387 -6.80 -13.37 -7.11
N PRO A 388 -6.70 -12.90 -5.87
CA PRO A 388 -6.11 -13.75 -4.83
C PRO A 388 -6.86 -15.05 -4.60
N HIS A 389 -8.19 -15.05 -4.70
CA HIS A 389 -8.94 -16.28 -4.44
C HIS A 389 -8.73 -17.30 -5.55
N ALA A 390 -8.84 -16.87 -6.81
CA ALA A 390 -8.64 -17.79 -7.91
C ALA A 390 -7.22 -18.32 -7.92
N GLU A 391 -6.24 -17.45 -7.67
CA GLU A 391 -4.85 -17.88 -7.62
C GLU A 391 -4.62 -18.85 -6.47
N THR A 392 -5.26 -18.59 -5.32
CA THR A 392 -5.12 -19.50 -4.19
C THR A 392 -5.68 -20.87 -4.53
N GLU A 393 -6.84 -20.92 -5.19
CA GLU A 393 -7.40 -22.21 -5.56
C GLU A 393 -6.51 -22.92 -6.59
N ARG A 394 -5.97 -22.16 -7.55
CA ARG A 394 -5.06 -22.75 -8.53
C ARG A 394 -3.84 -23.36 -7.84
N TYR A 395 -3.21 -22.60 -6.95
CA TYR A 395 -2.03 -23.10 -6.25
C TYR A 395 -2.37 -24.29 -5.37
N ARG A 396 -3.52 -24.25 -4.69
CA ARG A 396 -3.91 -25.36 -3.84
C ARG A 396 -4.08 -26.64 -4.66
N GLN A 397 -4.78 -26.56 -5.79
CA GLN A 397 -4.95 -27.73 -6.63
C GLN A 397 -3.63 -28.21 -7.21
N HIS A 398 -2.78 -27.28 -7.64
CA HIS A 398 -1.49 -27.66 -8.20
C HIS A 398 -0.64 -28.41 -7.17
N VAL A 399 -0.61 -27.89 -5.93
CA VAL A 399 0.17 -28.54 -4.88
C VAL A 399 -0.45 -29.89 -4.53
N LEU A 400 -1.78 -29.98 -4.52
CA LEU A 400 -2.43 -31.24 -4.18
C LEU A 400 -2.10 -32.32 -5.21
N GLU A 401 -2.10 -31.96 -6.50
CA GLU A 401 -1.82 -32.96 -7.52
C GLU A 401 -0.32 -33.28 -7.58
N THR A 402 0.54 -32.28 -7.42
CA THR A 402 1.98 -32.53 -7.53
C THR A 402 2.51 -33.30 -6.33
N LYS A 403 2.12 -32.88 -5.13
CA LYS A 403 2.64 -33.44 -3.89
C LYS A 403 1.68 -34.39 -3.21
N GLY A 404 0.38 -34.17 -3.34
CA GLY A 404 -0.61 -34.99 -2.66
C GLY A 404 -0.88 -36.34 -3.32
N ALA A 405 -0.36 -36.57 -4.53
CA ALA A 405 -0.60 -37.84 -5.20
C ALA A 405 0.01 -39.00 -4.41
N GLN A 406 1.24 -38.83 -3.93
CA GLN A 406 1.91 -39.89 -3.19
C GLN A 406 1.36 -40.05 -1.78
N LEU A 407 0.86 -38.98 -1.18
CA LEU A 407 0.35 -39.05 0.17
C LEU A 407 -0.95 -39.86 0.22
N ASP A 408 -1.13 -40.61 1.31
CA ASP A 408 -2.32 -41.43 1.47
C ASP A 408 -3.53 -40.53 1.72
N ALA A 409 -4.71 -41.16 1.83
CA ALA A 409 -5.94 -40.40 2.00
C ALA A 409 -5.85 -39.47 3.20
N GLU A 410 -5.41 -39.99 4.34
CA GLU A 410 -5.24 -39.13 5.52
C GLU A 410 -4.15 -38.10 5.28
N GLY A 411 -3.06 -38.48 4.61
CA GLY A 411 -2.03 -37.52 4.27
C GLY A 411 -2.56 -36.42 3.37
N ARG A 412 -3.38 -36.78 2.37
CA ARG A 412 -3.96 -35.77 1.49
C ARG A 412 -4.91 -34.86 2.26
N ALA A 413 -5.69 -35.42 3.18
CA ALA A 413 -6.59 -34.57 3.96
C ALA A 413 -5.80 -33.60 4.82
N LEU A 414 -4.72 -34.06 5.46
CA LEU A 414 -3.88 -33.18 6.26
C LEU A 414 -3.27 -32.10 5.37
N LEU A 415 -2.84 -32.46 4.17
CA LEU A 415 -2.30 -31.48 3.25
C LEU A 415 -3.34 -30.44 2.86
N GLU A 416 -4.58 -30.87 2.64
CA GLU A 416 -5.64 -29.92 2.33
C GLU A 416 -5.86 -28.96 3.48
N GLU A 417 -5.86 -29.48 4.71
CA GLU A 417 -6.01 -28.58 5.87
C GLU A 417 -4.85 -27.61 5.96
N ASP A 418 -3.63 -28.07 5.70
CA ASP A 418 -2.47 -27.20 5.74
C ASP A 418 -2.56 -26.10 4.69
N LEU A 419 -3.00 -26.45 3.48
CA LEU A 419 -3.09 -25.49 2.38
C LEU A 419 -4.20 -24.48 2.59
N HIS A 420 -5.06 -24.66 3.60
CA HIS A 420 -6.15 -23.74 3.87
C HIS A 420 -5.76 -22.65 4.86
N SER A 421 -4.51 -22.59 5.28
CA SER A 421 -4.08 -21.53 6.18
C SER A 421 -4.10 -20.19 5.45
N PRO A 422 -4.38 -19.10 6.17
CA PRO A 422 -4.48 -17.79 5.49
C PRO A 422 -3.20 -17.35 4.81
N CYS A 423 -2.04 -17.86 5.23
CA CYS A 423 -0.79 -17.45 4.60
C CYS A 423 -0.67 -18.00 3.18
N THR A 424 -1.31 -19.13 2.89
CA THR A 424 -1.19 -19.74 1.57
C THR A 424 -1.49 -18.74 0.48
N GLU A 425 -2.57 -17.97 0.62
CA GLU A 425 -2.92 -17.00 -0.40
C GLU A 425 -1.72 -16.16 -0.80
N GLU A 426 -0.99 -15.64 0.20
CA GLU A 426 0.16 -14.80 -0.12
C GLU A 426 1.11 -15.52 -1.06
N ILE A 427 1.53 -16.74 -0.71
CA ILE A 427 2.48 -17.43 -1.57
C ILE A 427 1.84 -17.70 -2.92
N ALA A 428 0.55 -18.05 -2.93
CA ALA A 428 -0.15 -18.23 -4.20
C ALA A 428 0.01 -16.99 -5.05
N VAL A 429 -0.25 -15.82 -4.46
CA VAL A 429 -0.09 -14.57 -5.21
C VAL A 429 1.32 -14.48 -5.77
N PHE A 430 2.32 -14.75 -4.93
CA PHE A 430 3.70 -14.70 -5.40
C PHE A 430 3.85 -15.57 -6.64
N GLN A 431 3.37 -16.81 -6.57
CA GLN A 431 3.47 -17.69 -7.72
C GLN A 431 2.88 -17.02 -8.94
N ALA A 432 1.64 -16.53 -8.82
CA ALA A 432 1.01 -15.84 -9.94
C ALA A 432 1.94 -14.76 -10.46
N PHE A 433 2.43 -13.90 -9.56
CA PHE A 433 3.32 -12.83 -9.97
C PHE A 433 4.47 -13.40 -10.79
N SER A 434 5.17 -14.39 -10.23
CA SER A 434 6.29 -14.98 -10.94
C SER A 434 5.87 -15.42 -12.33
N ARG A 435 4.75 -16.15 -12.42
CA ARG A 435 4.32 -16.65 -13.71
C ARG A 435 4.13 -15.52 -14.70
N ILE A 436 3.52 -14.42 -14.26
CA ILE A 436 3.30 -13.29 -15.16
C ILE A 436 4.65 -12.75 -15.65
N ILE A 437 5.60 -12.60 -14.72
CA ILE A 437 6.90 -12.07 -15.09
C ILE A 437 7.59 -12.97 -16.10
N ARG A 438 7.17 -14.24 -16.19
CA ARG A 438 7.81 -15.16 -17.12
C ARG A 438 7.36 -14.96 -18.56
N GLU A 439 6.29 -14.20 -18.79
CA GLU A 439 5.78 -14.00 -20.15
C GLU A 439 6.24 -12.69 -20.77
N ALA A 440 7.08 -11.93 -20.08
CA ALA A 440 7.52 -10.62 -20.55
C ALA A 440 8.68 -10.68 -21.52
N GLY A 441 9.21 -11.87 -21.81
CA GLY A 441 10.31 -11.99 -22.74
C GLY A 441 9.92 -12.00 -24.20
N LYS A 442 8.63 -12.13 -24.50
CA LYS A 442 8.14 -12.14 -25.86
C LYS A 442 7.17 -11.01 -26.18
N LYS A 443 6.71 -10.26 -25.17
CA LYS A 443 5.78 -9.17 -25.38
C LYS A 443 5.92 -8.20 -24.22
N PHE A 444 5.50 -6.96 -24.46
CA PHE A 444 5.52 -5.97 -23.40
C PHE A 444 4.58 -6.39 -22.29
N VAL A 445 5.04 -6.31 -21.04
CA VAL A 445 4.22 -6.60 -19.88
C VAL A 445 4.32 -5.40 -18.95
N VAL A 446 3.26 -4.60 -18.89
CA VAL A 446 3.22 -3.41 -18.04
C VAL A 446 2.53 -3.81 -16.75
N MET A 447 3.26 -3.79 -15.64
CA MET A 447 2.79 -4.27 -14.35
C MET A 447 2.63 -3.09 -13.42
N ASP A 448 1.38 -2.82 -13.02
CA ASP A 448 1.07 -1.85 -11.98
C ASP A 448 1.08 -2.59 -10.65
N THR A 449 2.04 -2.25 -9.80
CA THR A 449 2.31 -3.04 -8.61
C THR A 449 1.38 -2.67 -7.46
N ALA A 450 1.37 -3.53 -6.45
CA ALA A 450 0.62 -3.32 -5.22
C ALA A 450 1.43 -2.38 -4.33
N PRO A 451 0.93 -2.08 -3.12
CA PRO A 451 1.68 -1.19 -2.23
C PRO A 451 3.15 -1.56 -2.14
N THR A 452 3.97 -0.58 -1.75
CA THR A 452 5.42 -0.72 -1.85
C THR A 452 5.95 -1.89 -1.02
N GLY A 453 5.46 -2.02 0.22
CA GLY A 453 5.95 -3.10 1.07
C GLY A 453 5.60 -4.47 0.51
N HIS A 454 4.35 -4.63 0.09
CA HIS A 454 3.91 -5.91 -0.46
C HIS A 454 4.68 -6.24 -1.73
N THR A 455 4.87 -5.26 -2.62
CA THR A 455 5.63 -5.51 -3.83
C THR A 455 7.08 -5.87 -3.53
N LEU A 456 7.70 -5.16 -2.59
CA LEU A 456 9.09 -5.44 -2.25
C LEU A 456 9.23 -6.85 -1.69
N LEU A 457 8.26 -7.29 -0.89
CA LEU A 457 8.27 -8.68 -0.44
C LEU A 457 8.09 -9.63 -1.62
N LEU A 458 7.24 -9.26 -2.58
CA LEU A 458 7.01 -10.12 -3.74
C LEU A 458 8.28 -10.31 -4.55
N LEU A 459 9.08 -9.25 -4.70
CA LEU A 459 10.32 -9.40 -5.46
C LEU A 459 11.19 -10.50 -4.90
N ASP A 460 11.08 -10.77 -3.59
CA ASP A 460 11.73 -11.92 -2.97
C ASP A 460 13.25 -11.81 -3.05
N ALA A 461 13.77 -10.66 -2.60
CA ALA A 461 15.21 -10.50 -2.54
C ALA A 461 15.83 -11.40 -1.50
N THR A 462 15.10 -11.73 -0.43
CA THR A 462 15.60 -12.58 0.63
C THR A 462 15.33 -14.06 0.41
N GLY A 463 14.56 -14.41 -0.62
CA GLY A 463 14.30 -15.81 -0.93
C GLY A 463 13.29 -16.49 -0.05
N ALA A 464 12.51 -15.74 0.74
CA ALA A 464 11.55 -16.36 1.65
C ALA A 464 10.43 -17.06 0.87
N TYR A 465 9.83 -16.36 -0.09
CA TYR A 465 8.75 -16.96 -0.86
C TYR A 465 9.23 -18.16 -1.65
N HIS A 466 10.42 -18.06 -2.24
CA HIS A 466 10.98 -19.18 -2.98
C HIS A 466 11.19 -20.38 -2.08
N ARG A 467 11.72 -20.15 -0.87
CA ARG A 467 11.91 -21.23 0.07
C ARG A 467 10.58 -21.88 0.44
N GLU A 468 9.55 -21.07 0.70
CA GLU A 468 8.25 -21.62 1.08
C GLU A 468 7.66 -22.46 -0.04
N VAL A 469 7.71 -21.95 -1.28
CA VAL A 469 7.08 -22.65 -2.39
C VAL A 469 7.84 -23.93 -2.71
N ARG A 470 9.18 -23.91 -2.61
CA ARG A 470 9.92 -25.14 -2.85
C ARG A 470 9.72 -26.13 -1.71
N ARG A 471 9.50 -25.65 -0.49
CA ARG A 471 9.16 -26.56 0.60
C ARG A 471 7.83 -27.25 0.33
N GLN A 472 6.82 -26.50 -0.15
CA GLN A 472 5.54 -27.12 -0.45
C GLN A 472 5.53 -27.87 -1.77
N MET A 473 6.57 -27.75 -2.58
CA MET A 473 6.63 -28.42 -3.88
C MET A 473 8.01 -28.99 -4.16
N GLY A 474 8.72 -29.41 -3.13
CA GLY A 474 10.04 -29.99 -3.29
C GLY A 474 11.02 -29.06 -3.98
N THR A 481 14.48 -20.12 -12.68
CA THR A 481 14.69 -18.68 -12.71
C THR A 481 13.78 -17.97 -11.72
N THR A 482 14.37 -17.26 -10.78
CA THR A 482 13.61 -16.49 -9.81
C THR A 482 13.24 -15.14 -10.39
N PRO A 483 12.21 -14.48 -9.85
CA PRO A 483 11.85 -13.15 -10.38
C PRO A 483 12.98 -12.16 -10.33
N MET A 484 13.81 -12.22 -9.28
CA MET A 484 14.87 -11.23 -9.12
C MET A 484 15.92 -11.37 -10.21
N MET A 485 16.21 -12.61 -10.64
CA MET A 485 17.17 -12.80 -11.71
C MET A 485 16.74 -12.08 -12.99
N GLN A 486 15.44 -11.87 -13.17
CA GLN A 486 14.94 -11.13 -14.32
C GLN A 486 14.85 -9.63 -14.03
N LEU A 487 14.42 -9.25 -12.82
CA LEU A 487 14.37 -7.83 -12.49
C LEU A 487 15.76 -7.22 -12.42
N ARG A 488 16.76 -7.99 -12.00
CA ARG A 488 18.12 -7.49 -11.95
C ARG A 488 18.72 -7.24 -13.33
N ASP A 489 18.06 -7.71 -14.40
CA ASP A 489 18.63 -7.63 -15.73
C ASP A 489 18.01 -6.46 -16.48
N PRO A 490 18.74 -5.37 -16.72
CA PRO A 490 18.12 -4.22 -17.41
C PRO A 490 17.66 -4.51 -18.82
N ASN A 491 18.21 -5.56 -19.46
CA ASN A 491 17.85 -5.84 -20.84
C ASN A 491 16.41 -6.31 -20.99
N GLN A 492 15.79 -6.79 -19.90
CA GLN A 492 14.43 -7.33 -19.98
C GLN A 492 13.48 -6.74 -18.95
N THR A 493 13.88 -5.70 -18.22
CA THR A 493 12.99 -5.06 -17.28
C THR A 493 13.27 -3.56 -17.25
N LYS A 494 12.27 -2.80 -16.82
CA LYS A 494 12.39 -1.35 -16.71
C LYS A 494 11.51 -0.91 -15.55
N VAL A 495 12.12 -0.79 -14.37
CA VAL A 495 11.39 -0.35 -13.18
C VAL A 495 11.33 1.17 -13.18
N LEU A 496 10.12 1.71 -13.14
CA LEU A 496 9.89 3.15 -13.11
C LEU A 496 9.38 3.54 -11.74
N VAL A 497 9.95 4.58 -11.16
CA VAL A 497 9.54 5.07 -9.85
C VAL A 497 8.64 6.27 -10.06
N VAL A 498 7.37 6.13 -9.70
CA VAL A 498 6.40 7.21 -9.81
C VAL A 498 6.36 7.94 -8.47
N THR A 499 6.44 9.26 -8.52
CA THR A 499 6.46 10.09 -7.33
C THR A 499 5.51 11.27 -7.51
N LEU A 500 5.38 12.06 -6.45
CA LEU A 500 4.72 13.35 -6.50
C LEU A 500 5.74 14.41 -6.17
N ALA A 501 5.52 15.62 -6.66
CA ALA A 501 6.43 16.74 -6.40
C ALA A 501 6.21 17.27 -4.99
N GLU A 502 6.36 16.38 -4.01
CA GLU A 502 6.10 16.70 -2.62
C GLU A 502 7.16 16.03 -1.75
N THR A 503 7.27 16.52 -0.52
CA THR A 503 8.36 16.08 0.37
C THR A 503 8.29 14.58 0.62
N THR A 504 7.23 14.14 1.29
CA THR A 504 7.13 12.76 1.74
C THR A 504 7.12 11.79 0.55
N PRO A 505 6.36 12.05 -0.52
CA PRO A 505 6.43 11.17 -1.68
C PRO A 505 7.83 11.04 -2.26
N VAL A 506 8.58 12.14 -2.33
CA VAL A 506 9.93 12.08 -2.89
C VAL A 506 10.86 11.31 -1.96
N LEU A 507 10.75 11.51 -0.65
CA LEU A 507 11.58 10.76 0.28
C LEU A 507 11.25 9.28 0.23
N GLU A 508 9.97 8.93 0.14
CA GLU A 508 9.59 7.53 0.05
C GLU A 508 10.09 6.91 -1.24
N ALA A 509 10.04 7.65 -2.35
CA ALA A 509 10.58 7.16 -3.61
C ALA A 509 12.09 6.97 -3.53
N ALA A 510 12.79 7.89 -2.87
CA ALA A 510 14.23 7.72 -2.69
C ALA A 510 14.55 6.48 -1.87
N LYS A 511 13.79 6.24 -0.80
CA LYS A 511 14.00 5.04 0.00
C LYS A 511 13.68 3.78 -0.81
N LEU A 512 12.63 3.82 -1.62
CA LEU A 512 12.32 2.70 -2.50
C LEU A 512 13.45 2.44 -3.49
N GLN A 513 14.00 3.51 -4.07
CA GLN A 513 15.12 3.35 -4.99
C GLN A 513 16.34 2.76 -4.29
N ALA A 514 16.60 3.19 -3.06
CA ALA A 514 17.70 2.61 -2.30
C ALA A 514 17.46 1.14 -2.03
N ASP A 515 16.22 0.77 -1.68
CA ASP A 515 15.91 -0.64 -1.45
C ASP A 515 16.08 -1.46 -2.72
N LEU A 516 15.67 -0.92 -3.86
CA LEU A 516 15.84 -1.63 -5.12
C LEU A 516 17.30 -1.81 -5.46
N ARG A 517 18.10 -0.74 -5.32
CA ARG A 517 19.53 -0.84 -5.64
C ARG A 517 20.23 -1.81 -4.70
N ARG A 518 19.85 -1.81 -3.42
CA ARG A 518 20.42 -2.78 -2.49
C ARG A 518 20.19 -4.20 -2.96
N ALA A 519 19.06 -4.45 -3.62
CA ALA A 519 18.74 -5.77 -4.16
C ALA A 519 19.31 -6.00 -5.55
N GLY A 520 19.95 -4.99 -6.14
CA GLY A 520 20.54 -5.11 -7.46
C GLY A 520 19.72 -4.55 -8.58
N ILE A 521 18.57 -3.95 -8.29
CA ILE A 521 17.67 -3.40 -9.31
C ILE A 521 17.93 -1.90 -9.43
N GLU A 522 18.18 -1.45 -10.64
CA GLU A 522 18.43 -0.04 -10.92
C GLU A 522 17.20 0.54 -11.62
N PRO A 523 16.42 1.40 -10.98
CA PRO A 523 15.25 1.96 -11.67
C PRO A 523 15.63 2.68 -12.96
N TRP A 524 14.81 2.49 -13.98
CA TRP A 524 15.13 3.04 -15.29
C TRP A 524 14.78 4.52 -15.39
N ALA A 525 13.71 4.96 -14.74
CA ALA A 525 13.31 6.35 -14.83
C ALA A 525 12.42 6.70 -13.65
N TRP A 526 12.24 8.01 -13.45
CA TRP A 526 11.31 8.55 -12.48
C TRP A 526 10.24 9.33 -13.20
N ILE A 527 9.03 9.34 -12.64
CA ILE A 527 7.91 10.07 -13.20
C ILE A 527 7.31 10.93 -12.10
N ILE A 528 7.45 12.25 -12.21
CA ILE A 528 6.83 13.18 -11.28
C ILE A 528 5.41 13.41 -11.79
N ASN A 529 4.44 12.76 -11.16
CA ASN A 529 3.06 12.79 -11.62
C ASN A 529 2.29 13.94 -10.99
N THR A 530 1.23 14.35 -11.69
CA THR A 530 0.30 15.39 -11.23
C THR A 530 1.03 16.53 -10.52
N SER A 531 2.00 17.10 -11.23
CA SER A 531 2.73 18.25 -10.73
C SER A 531 1.97 19.52 -11.07
N VAL A 532 1.57 20.27 -10.05
CA VAL A 532 0.84 21.51 -10.27
C VAL A 532 1.70 22.55 -10.98
N ALA A 533 3.03 22.47 -10.82
CA ALA A 533 3.92 23.41 -11.50
C ALA A 533 3.82 23.26 -13.01
N ALA A 534 3.79 22.03 -13.51
CA ALA A 534 3.72 21.81 -14.95
C ALA A 534 2.43 22.38 -15.54
N ALA A 535 1.31 22.20 -14.82
CA ALA A 535 0.04 22.77 -15.24
C ALA A 535 -0.05 24.19 -14.68
N SER A 536 0.17 25.17 -15.54
CA SER A 536 0.15 26.57 -15.11
C SER A 536 -1.12 26.88 -14.34
N ALA A 537 -0.97 27.22 -13.07
CA ALA A 537 -2.09 27.50 -12.19
C ALA A 537 -1.98 28.93 -11.69
N LYS A 538 -3.12 29.64 -11.68
CA LYS A 538 -3.16 31.05 -11.31
C LYS A 538 -3.78 31.30 -9.94
N SER A 539 -4.52 30.35 -9.39
CA SER A 539 -5.12 30.56 -8.08
C SER A 539 -4.03 30.63 -7.02
N PRO A 540 -4.19 31.48 -6.00
CA PRO A 540 -3.09 31.63 -5.01
C PRO A 540 -2.71 30.32 -4.35
N LEU A 541 -3.68 29.47 -4.03
CA LEU A 541 -3.36 28.19 -3.40
C LEU A 541 -2.52 27.33 -4.33
N LEU A 542 -2.95 27.19 -5.60
CA LEU A 542 -2.20 26.39 -6.54
C LEU A 542 -0.86 27.04 -6.89
N ARG A 543 -0.80 28.37 -6.87
CA ARG A 543 0.49 29.05 -7.05
C ARG A 543 1.46 28.65 -5.96
N GLN A 544 1.00 28.67 -4.70
CA GLN A 544 1.87 28.26 -3.60
C GLN A 544 2.25 26.79 -3.71
N ARG A 545 1.31 25.94 -4.09
CA ARG A 545 1.63 24.52 -4.23
C ARG A 545 2.69 24.30 -5.30
N ALA A 546 2.58 25.00 -6.43
CA ALA A 546 3.61 24.88 -7.47
C ALA A 546 4.95 25.39 -6.96
N ALA A 547 4.95 26.51 -6.24
CA ALA A 547 6.19 27.04 -5.69
C ALA A 547 6.85 26.01 -4.79
N ASN A 548 6.06 25.29 -4.00
CA ASN A 548 6.63 24.24 -3.15
C ASN A 548 7.07 23.03 -3.97
N GLU A 549 6.42 22.77 -5.11
CA GLU A 549 6.79 21.62 -5.94
C GLU A 549 8.10 21.84 -6.69
N LEU A 550 8.47 23.09 -6.94
CA LEU A 550 9.71 23.33 -7.70
C LEU A 550 10.92 22.69 -7.02
N ARG A 551 11.04 22.81 -5.70
CA ARG A 551 12.22 22.27 -5.03
C ARG A 551 12.27 20.76 -5.14
N GLU A 552 11.13 20.09 -5.01
CA GLU A 552 11.11 18.63 -5.15
C GLU A 552 11.43 18.22 -6.58
N ILE A 553 10.93 18.96 -7.56
CA ILE A 553 11.27 18.67 -8.96
C ILE A 553 12.78 18.78 -9.17
N ASN A 554 13.39 19.85 -8.65
CA ASN A 554 14.83 20.02 -8.79
C ASN A 554 15.59 18.90 -8.09
N ALA A 555 15.15 18.52 -6.89
CA ALA A 555 15.82 17.44 -6.18
C ALA A 555 15.76 16.14 -6.97
N VAL A 556 14.59 15.82 -7.53
CA VAL A 556 14.46 14.59 -8.31
C VAL A 556 15.34 14.67 -9.56
N ALA A 557 15.32 15.81 -10.24
CA ALA A 557 16.04 15.91 -11.51
C ALA A 557 17.54 15.82 -11.31
N ASN A 558 18.09 16.54 -10.33
CA ASN A 558 19.53 16.65 -10.18
C ASN A 558 20.14 15.59 -9.28
N HIS A 559 19.37 15.00 -8.36
CA HIS A 559 19.90 14.13 -7.33
C HIS A 559 19.47 12.68 -7.49
N HIS A 560 18.16 12.43 -7.54
CA HIS A 560 17.63 11.07 -7.46
C HIS A 560 17.56 10.40 -8.83
N ALA A 561 17.07 11.11 -9.85
CA ALA A 561 16.78 10.53 -11.14
C ALA A 561 17.71 11.10 -12.19
N ASP A 562 18.32 10.22 -12.99
CA ASP A 562 19.08 10.64 -14.16
C ASP A 562 18.19 10.78 -15.39
N ARG A 563 17.20 9.91 -15.53
CA ARG A 563 16.18 10.03 -16.56
C ARG A 563 14.83 10.13 -15.87
N TYR A 564 14.02 11.11 -16.28
CA TYR A 564 12.77 11.38 -15.58
C TYR A 564 11.79 12.05 -16.52
N ALA A 565 10.51 12.01 -16.12
CA ALA A 565 9.44 12.68 -16.84
C ALA A 565 8.55 13.40 -15.85
N VAL A 566 7.88 14.45 -16.31
CA VAL A 566 6.97 15.24 -15.50
C VAL A 566 5.61 15.24 -16.18
N VAL A 567 4.59 14.87 -15.43
CA VAL A 567 3.21 14.81 -15.92
C VAL A 567 2.41 15.87 -15.17
N PRO A 568 1.68 16.75 -15.85
CA PRO A 568 0.95 17.82 -15.15
C PRO A 568 -0.27 17.32 -14.40
N LEU A 569 -0.94 18.23 -13.69
CA LEU A 569 -2.19 17.93 -13.00
C LEU A 569 -3.33 18.19 -13.98
N LEU A 570 -3.81 17.13 -14.62
CA LEU A 570 -4.84 17.26 -15.64
C LEU A 570 -6.14 17.75 -15.02
N LYS A 571 -6.79 18.69 -15.71
CA LYS A 571 -8.04 19.23 -15.20
C LYS A 571 -9.17 18.23 -15.30
N GLU A 572 -9.16 17.38 -16.33
CA GLU A 572 -10.11 16.28 -16.45
C GLU A 572 -9.43 14.99 -16.02
N GLU A 573 -10.06 14.31 -15.06
CA GLU A 573 -9.45 13.11 -14.49
C GLU A 573 -9.18 12.08 -15.58
N PRO A 574 -7.96 11.54 -15.68
CA PRO A 574 -7.64 10.66 -16.82
C PRO A 574 -8.29 9.29 -16.70
N ILE A 575 -9.34 9.07 -17.49
CA ILE A 575 -10.04 7.79 -17.53
C ILE A 575 -10.39 7.50 -18.98
N GLY A 576 -10.18 6.25 -19.40
CA GLY A 576 -10.44 5.85 -20.75
C GLY A 576 -9.23 5.99 -21.65
N ALA A 577 -9.31 5.36 -22.82
CA ALA A 577 -8.17 5.32 -23.72
C ALA A 577 -7.80 6.72 -24.21
N GLU A 578 -8.81 7.55 -24.50
CA GLU A 578 -8.53 8.86 -25.08
C GLU A 578 -7.74 9.74 -24.12
N ARG A 579 -8.21 9.89 -22.88
CA ARG A 579 -7.51 10.73 -21.92
C ARG A 579 -6.15 10.14 -21.55
N LEU A 580 -6.10 8.83 -21.37
CA LEU A 580 -4.84 8.18 -20.99
C LEU A 580 -3.79 8.36 -22.08
N ARG A 581 -4.19 8.23 -23.35
CA ARG A 581 -3.27 8.47 -24.45
C ARG A 581 -2.98 9.96 -24.63
N ALA A 582 -3.87 10.83 -24.15
CA ALA A 582 -3.63 12.26 -24.25
C ALA A 582 -2.62 12.75 -23.23
N LEU A 583 -2.55 12.15 -22.04
CA LEU A 583 -1.55 12.61 -21.08
C LEU A 583 -0.15 12.19 -21.47
N ILE A 584 -0.01 11.27 -22.44
CA ILE A 584 1.31 10.98 -23.00
C ILE A 584 1.68 11.95 -24.10
N HIS A 585 0.70 12.60 -24.72
CA HIS A 585 0.92 13.57 -25.79
C HIS A 585 0.17 14.85 -25.46
N PRO A 586 0.64 15.61 -24.46
CA PRO A 586 -0.06 16.82 -24.02
C PRO A 586 0.26 18.05 -24.87
PG ATP B . 0.22 5.93 1.79
O1G ATP B . 1.32 5.92 0.80
O2G ATP B . -1.02 5.17 1.35
O3G ATP B . 0.63 5.43 3.17
PB ATP B . -1.19 8.21 3.07
O1B ATP B . -2.60 7.83 2.97
O2B ATP B . -0.53 8.07 4.43
O3B ATP B . -0.30 7.41 2.04
PA ATP B . -0.09 10.95 3.04
O1A ATP B . 1.33 10.62 3.17
O2A ATP B . -0.73 11.51 4.31
O3A ATP B . -0.96 9.71 2.58
O5' ATP B . -0.36 11.97 1.87
C5' ATP B . 0.54 12.08 0.74
C4' ATP B . 0.71 13.54 0.47
O4' ATP B . -0.58 14.13 0.62
C3' ATP B . 1.57 14.18 1.56
O3' ATP B . 2.66 14.79 0.90
C2' ATP B . 0.71 15.33 2.10
O2' ATP B . 1.49 16.50 1.89
C1' ATP B . -0.41 15.43 1.07
N9 ATP B . -1.66 15.82 1.69
C8 ATP B . -2.52 15.01 2.38
N7 ATP B . -3.59 15.61 2.83
C5 ATP B . -3.43 16.93 2.41
C6 ATP B . -4.21 18.08 2.57
N6 ATP B . -5.38 18.10 3.22
N1 ATP B . -3.76 19.23 2.03
C2 ATP B . -2.60 19.22 1.38
N3 ATP B . -1.76 18.20 1.16
C4 ATP B . -2.24 17.07 1.71
PG ATP C . -3.13 3.38 -4.98
O1G ATP C . -3.78 4.06 -3.82
O2G ATP C . -1.75 2.82 -4.66
O3G ATP C . -3.99 2.28 -5.59
PB ATP C . -2.17 4.47 -7.57
O1B ATP C . -0.71 4.59 -7.41
O2B ATP C . -2.68 3.28 -8.37
O3B ATP C . -2.89 4.41 -6.16
PA ATP C . -4.11 6.17 -9.01
O1A ATP C . -5.29 5.40 -8.56
O2A ATP C . -3.79 6.04 -10.48
O3A ATP C . -2.81 5.79 -8.20
O5' ATP C . -4.25 7.71 -8.69
C5' ATP C . -5.27 8.20 -7.78
C4' ATP C . -6.11 9.21 -8.53
O4' ATP C . -5.18 10.10 -9.16
C3' ATP C . -6.86 8.53 -9.67
O3' ATP C . -8.23 8.83 -9.46
C2' ATP C . -6.45 9.32 -10.92
O2' ATP C . -7.67 9.79 -11.48
C1' ATP C . -5.81 10.57 -10.33
N9 ATP C . -4.75 11.08 -11.19
C8 ATP C . -3.59 10.42 -11.54
N7 ATP C . -2.81 11.12 -12.33
C5 ATP C . -3.48 12.32 -12.49
C6 ATP C . -3.17 13.49 -13.22
N6 ATP C . -2.06 13.65 -13.93
N1 ATP C . -4.07 14.50 -13.16
C2 ATP C . -5.18 14.34 -12.44
N3 ATP C . -5.57 13.29 -11.73
C4 ATP C . -4.68 12.31 -11.80
MG MG D . -3.11 1.32 -8.30
MG MG E . 0.66 6.40 5.32
AS ARS F . 2.03 -20.57 5.08
#